data_7VO4
#
_entry.id   7VO4
#
_cell.length_a   51.946
_cell.length_b   58.867
_cell.length_c   85.043
_cell.angle_alpha   90.000
_cell.angle_beta   101.070
_cell.angle_gamma   90.000
#
_symmetry.space_group_name_H-M   'P 1 21 1'
#
loop_
_entity.id
_entity.type
_entity.pdbx_description
1 polymer ScnS4
2 non-polymer 'SULFATE ION'
3 water water
#
_entity_poly.entity_id   1
_entity_poly.type   'polypeptide(L)'
_entity_poly.pdbx_seq_one_letter_code
;FLPAAAPETDSLERMFLDALESGRIPEAQRMLSALGALRPSFENTAELEDLPLPATLAEGPGAPRLICVSTPTANGGVHE
YARLAASFRGERHVSALPLVGFAAGERLPATPETAVRVVAESTLRASDGNPFVLVGHSSAGAFAYLAAALLENTWGIRPE
AVVLLDTLSLRHEQNETIDYAGLMRRHFMVDEVSPVRMTNSRLSAMARWMGMLNQLEVRHTTVPVLIIRAAKETFGIGTD
TGIYGEDHGSPVDVRSVDADHFSMVRDDAPETARIVKEWLDSLGNA
;
_entity_poly.pdbx_strand_id   A,B
#
# COMPACT_ATOMS: atom_id res chain seq x y z
N GLU A 8 -6.26 -20.83 13.21
CA GLU A 8 -7.04 -20.43 11.98
C GLU A 8 -8.58 -20.46 12.17
N THR A 9 -9.15 -21.62 12.42
CA THR A 9 -10.60 -21.74 12.57
C THR A 9 -10.97 -21.17 13.96
N ASP A 10 -10.04 -21.24 14.92
CA ASP A 10 -10.33 -20.70 16.25
C ASP A 10 -9.49 -19.42 16.47
N SER A 11 -9.33 -18.63 15.41
CA SER A 11 -8.55 -17.38 15.53
C SER A 11 -9.29 -16.39 16.43
N LEU A 12 -8.56 -15.44 16.96
CA LEU A 12 -9.19 -14.39 17.73
C LEU A 12 -10.04 -13.48 16.84
N GLU A 13 -9.62 -13.28 15.60
CA GLU A 13 -10.44 -12.60 14.64
C GLU A 13 -11.82 -13.24 14.52
N ARG A 14 -11.88 -14.56 14.37
CA ARG A 14 -13.19 -15.26 14.27
C ARG A 14 -13.95 -15.10 15.58
N MET A 15 -13.29 -15.26 16.72
CA MET A 15 -13.94 -15.02 18.02
C MET A 15 -14.53 -13.63 18.08
N PHE A 16 -13.76 -12.61 17.74
CA PHE A 16 -14.27 -11.23 17.87
C PHE A 16 -15.52 -11.02 17.00
N LEU A 17 -15.46 -11.49 15.75
CA LEU A 17 -16.58 -11.30 14.79
C LEU A 17 -17.82 -12.13 15.19
N ASP A 18 -17.63 -13.35 15.69
CA ASP A 18 -18.76 -14.15 16.30
C ASP A 18 -19.38 -13.38 17.42
N ALA A 19 -18.54 -12.91 18.35
CA ALA A 19 -18.99 -12.02 19.46
C ALA A 19 -19.80 -10.79 19.04
N LEU A 20 -19.37 -10.13 17.98
CA LEU A 20 -20.12 -9.01 17.43
C LEU A 20 -21.50 -9.48 17.00
N GLU A 21 -21.56 -10.56 16.22
CA GLU A 21 -22.84 -11.09 15.73
C GLU A 21 -23.73 -11.49 16.91
N SER A 22 -23.14 -12.04 17.97
CA SER A 22 -23.91 -12.50 19.11
C SER A 22 -24.12 -11.51 20.28
N GLY A 23 -23.71 -10.25 20.20
CA GLY A 23 -23.95 -9.33 21.30
C GLY A 23 -23.10 -9.60 22.53
N ARG A 24 -21.90 -10.13 22.30
CA ARG A 24 -20.97 -10.35 23.36
C ARG A 24 -19.78 -9.46 23.20
N ILE A 25 -20.01 -8.12 22.76
CA ILE A 25 -18.88 -7.19 22.70
C ILE A 25 -18.22 -7.00 24.02
N PRO A 26 -18.96 -6.73 25.04
CA PRO A 26 -18.25 -6.47 26.29
C PRO A 26 -17.28 -7.64 26.70
N GLU A 27 -17.72 -8.86 26.62
CA GLU A 27 -16.84 -10.02 26.88
C GLU A 27 -15.59 -10.00 25.96
N ALA A 28 -15.80 -9.69 24.68
CA ALA A 28 -14.69 -9.67 23.71
C ALA A 28 -13.69 -8.57 24.05
N GLN A 29 -14.20 -7.40 24.47
CA GLN A 29 -13.35 -6.30 24.89
C GLN A 29 -12.54 -6.67 26.11
N ARG A 30 -13.19 -7.29 27.09
CA ARG A 30 -12.51 -7.73 28.34
C ARG A 30 -11.31 -8.65 28.00
N MET A 31 -11.59 -9.60 27.13
CA MET A 31 -10.55 -10.57 26.69
C MET A 31 -9.41 -9.85 25.98
N LEU A 32 -9.74 -8.96 25.04
CA LEU A 32 -8.71 -8.24 24.29
C LEU A 32 -7.93 -7.23 25.12
N SER A 33 -8.58 -6.58 26.11
CA SER A 33 -7.82 -5.70 27.11
C SER A 33 -6.93 -6.55 27.94
N ALA A 34 -7.46 -7.69 28.37
CA ALA A 34 -6.66 -8.63 29.13
C ALA A 34 -5.44 -9.09 28.32
N LEU A 35 -5.62 -9.28 27.01
CA LEU A 35 -4.45 -9.61 26.18
C LEU A 35 -3.51 -8.42 26.04
N GLY A 36 -4.13 -7.24 25.89
CA GLY A 36 -3.39 -5.97 25.76
C GLY A 36 -2.41 -5.81 26.91
N ALA A 37 -2.92 -6.00 28.13
CA ALA A 37 -2.11 -5.91 29.38
C ALA A 37 -0.88 -6.80 29.42
N LEU A 38 -0.85 -7.89 28.64
CA LEU A 38 0.34 -8.72 28.54
C LEU A 38 1.36 -8.24 27.53
N ARG A 39 1.07 -7.17 26.83
CA ARG A 39 2.08 -6.65 25.92
C ARG A 39 2.87 -5.54 26.59
N PRO A 40 4.16 -5.46 26.27
CA PRO A 40 4.95 -4.30 26.72
C PRO A 40 4.33 -2.95 26.29
N SER A 41 4.50 -1.99 27.17
CA SER A 41 3.98 -0.69 27.06
C SER A 41 5.13 0.31 27.02
N PHE A 42 4.78 1.55 26.70
CA PHE A 42 5.70 2.68 26.83
C PHE A 42 4.88 3.79 27.46
N GLU A 43 5.52 4.58 28.29
CA GLU A 43 4.92 5.84 28.82
C GLU A 43 5.53 7.12 28.19
N ASN A 44 6.78 7.01 27.74
CA ASN A 44 7.52 8.08 27.07
C ASN A 44 7.84 7.68 25.61
N THR A 45 7.53 8.54 24.66
CA THR A 45 7.85 8.28 23.28
C THR A 45 9.32 7.96 23.00
N ALA A 46 10.25 8.54 23.77
CA ALA A 46 11.68 8.23 23.52
C ALA A 46 12.03 6.78 23.82
N GLU A 47 11.13 6.05 24.48
CA GLU A 47 11.27 4.58 24.53
C GLU A 47 11.19 3.84 23.18
N LEU A 48 10.58 4.42 22.16
CA LEU A 48 10.36 3.66 20.92
C LEU A 48 11.61 3.78 20.11
N GLU A 49 11.95 2.74 19.38
CA GLU A 49 13.08 2.79 18.43
C GLU A 49 12.74 3.82 17.35
N ASP A 50 11.45 3.98 17.00
CA ASP A 50 11.06 5.02 16.01
C ASP A 50 9.61 5.33 16.14
N LEU A 51 9.23 6.56 15.76
CA LEU A 51 7.79 6.93 15.69
C LEU A 51 7.15 6.11 14.57
N PRO A 52 5.80 6.03 14.58
CA PRO A 52 5.06 5.54 13.40
C PRO A 52 5.53 6.25 12.15
N LEU A 53 5.56 5.53 11.02
CA LEU A 53 6.01 6.07 9.73
C LEU A 53 4.79 6.58 8.89
N PRO A 54 4.71 7.88 8.55
CA PRO A 54 3.58 8.29 7.69
C PRO A 54 3.62 7.65 6.30
N ALA A 55 2.46 7.44 5.70
CA ALA A 55 2.38 6.94 4.38
C ALA A 55 1.82 8.14 3.57
N THR A 56 2.51 8.46 2.49
CA THR A 56 2.10 9.49 1.59
C THR A 56 1.07 8.98 0.59
N LEU A 57 -0.14 9.53 0.66
CA LEU A 57 -1.24 9.09 -0.23
C LEU A 57 -1.52 10.05 -1.37
N ALA A 58 -1.00 11.25 -1.29
CA ALA A 58 -1.19 12.27 -2.33
C ALA A 58 -0.08 13.28 -2.24
N GLU A 59 0.19 13.94 -3.35
CA GLU A 59 1.25 14.98 -3.41
C GLU A 59 0.77 16.05 -4.34
N GLY A 60 1.10 17.31 -4.04
CA GLY A 60 0.64 18.44 -4.82
C GLY A 60 1.19 19.80 -4.34
N PRO A 61 1.06 20.85 -5.18
CA PRO A 61 1.62 22.19 -4.85
C PRO A 61 0.82 22.99 -3.84
N GLY A 62 -0.40 22.57 -3.54
CA GLY A 62 -1.32 23.29 -2.67
C GLY A 62 -0.99 23.15 -1.20
N ALA A 63 -1.74 23.85 -0.37
CA ALA A 63 -1.42 23.98 1.04
C ALA A 63 -2.71 24.46 1.72
N PRO A 64 -2.92 24.12 3.00
CA PRO A 64 -2.07 23.26 3.80
C PRO A 64 -2.25 21.75 3.49
N ARG A 65 -1.17 20.99 3.73
CA ARG A 65 -1.21 19.51 3.67
C ARG A 65 -2.17 18.93 4.73
N LEU A 66 -2.63 17.72 4.49
CA LEU A 66 -3.51 17.03 5.40
C LEU A 66 -2.74 15.84 5.98
N ILE A 67 -2.89 15.67 7.31
CA ILE A 67 -2.32 14.59 8.07
C ILE A 67 -3.48 13.80 8.71
N CYS A 68 -3.60 12.56 8.28
CA CYS A 68 -4.76 11.74 8.67
C CYS A 68 -4.38 10.72 9.73
N VAL A 69 -5.21 10.58 10.76
CA VAL A 69 -4.96 9.70 11.87
C VAL A 69 -5.77 8.40 11.71
N SER A 70 -5.11 7.25 11.58
CA SER A 70 -5.82 6.00 11.41
C SER A 70 -6.77 5.81 12.60
N THR A 71 -7.91 5.18 12.34
CA THR A 71 -8.85 4.80 13.41
C THR A 71 -8.22 3.70 14.28
N PRO A 72 -8.52 3.70 15.59
CA PRO A 72 -8.01 2.66 16.52
C PRO A 72 -8.77 1.32 16.46
N THR A 73 -9.11 0.89 15.28
CA THR A 73 -9.84 -0.34 15.02
C THR A 73 -8.93 -1.39 14.50
N ALA A 74 -9.29 -2.65 14.75
CA ALA A 74 -8.43 -3.74 14.34
C ALA A 74 -8.18 -3.87 12.83
N ASN A 75 -9.13 -3.35 12.02
CA ASN A 75 -9.02 -3.34 10.56
C ASN A 75 -8.63 -1.96 10.00
N GLY A 76 -8.18 -1.02 10.83
CA GLY A 76 -7.89 0.35 10.45
C GLY A 76 -6.44 0.49 10.04
N GLY A 77 -6.03 1.69 9.67
CA GLY A 77 -4.70 1.87 9.13
C GLY A 77 -4.72 2.92 8.04
N VAL A 78 -3.53 3.15 7.48
CA VAL A 78 -3.33 4.25 6.52
C VAL A 78 -4.22 4.16 5.28
N HIS A 79 -4.52 2.91 4.84
CA HIS A 79 -5.49 2.61 3.79
C HIS A 79 -6.85 3.25 3.97
N GLU A 80 -7.28 3.51 5.19
CA GLU A 80 -8.56 4.13 5.44
C GLU A 80 -8.81 5.51 4.76
N TYR A 81 -7.73 6.25 4.50
CA TYR A 81 -7.80 7.57 3.86
C TYR A 81 -7.38 7.58 2.40
N ALA A 82 -7.06 6.42 1.84
CA ALA A 82 -6.59 6.33 0.45
C ALA A 82 -7.63 6.86 -0.59
N ARG A 83 -8.89 6.54 -0.37
CA ARG A 83 -9.98 7.03 -1.18
C ARG A 83 -10.15 8.52 -1.10
N LEU A 84 -10.29 9.04 0.11
CA LEU A 84 -10.37 10.49 0.32
C LEU A 84 -9.15 11.18 -0.29
N ALA A 85 -7.94 10.58 -0.08
CA ALA A 85 -6.70 11.15 -0.63
C ALA A 85 -6.71 11.15 -2.15
N ALA A 86 -7.40 10.17 -2.78
CA ALA A 86 -7.53 10.15 -4.25
C ALA A 86 -8.08 11.50 -4.80
N SER A 87 -9.03 12.15 -4.14
CA SER A 87 -9.55 13.47 -4.62
C SER A 87 -8.58 14.64 -4.53
N PHE A 88 -7.34 14.40 -4.02
CA PHE A 88 -6.32 15.39 -3.78
C PHE A 88 -5.06 15.10 -4.52
N ARG A 89 -4.99 13.97 -5.27
CA ARG A 89 -3.68 13.46 -5.80
C ARG A 89 -2.91 14.29 -6.85
N GLY A 90 -3.43 15.39 -7.37
CA GLY A 90 -2.50 16.40 -7.92
C GLY A 90 -2.65 17.78 -7.32
N GLU A 91 -3.47 17.89 -6.29
CA GLU A 91 -3.79 19.16 -5.72
C GLU A 91 -2.97 19.49 -4.43
N ARG A 92 -2.70 18.49 -3.56
CA ARG A 92 -1.84 18.69 -2.36
C ARG A 92 -1.42 17.42 -1.68
N HIS A 93 -0.41 17.57 -0.83
CA HIS A 93 0.13 16.51 -0.01
C HIS A 93 -0.90 15.99 1.03
N VAL A 94 -1.07 14.66 1.07
CA VAL A 94 -1.96 14.05 2.07
C VAL A 94 -1.17 12.88 2.60
N SER A 95 -0.99 12.82 3.93
CA SER A 95 -0.48 11.60 4.47
C SER A 95 -1.33 11.05 5.59
N ALA A 96 -1.05 9.79 5.93
CA ALA A 96 -1.79 9.16 6.97
C ALA A 96 -0.84 8.53 7.95
N LEU A 97 -1.19 8.57 9.21
CA LEU A 97 -0.38 7.99 10.26
C LEU A 97 -0.85 6.63 10.73
N PRO A 98 0.05 5.61 10.79
CA PRO A 98 -0.30 4.39 11.56
C PRO A 98 -0.31 4.65 13.06
N LEU A 99 -1.07 3.85 13.82
CA LEU A 99 -1.00 3.96 15.26
C LEU A 99 -0.05 2.89 15.76
N VAL A 100 0.79 3.25 16.71
CA VAL A 100 1.79 2.28 17.18
C VAL A 100 1.11 1.24 18.08
N GLY A 101 1.56 0.01 17.96
CA GLY A 101 1.06 -1.09 18.76
C GLY A 101 0.27 -2.07 17.93
N PHE A 102 -0.19 -1.67 16.77
CA PHE A 102 -1.01 -2.57 15.95
C PHE A 102 -0.19 -3.64 15.22
N ALA A 103 1.11 -3.41 15.09
CA ALA A 103 1.98 -4.40 14.51
C ALA A 103 2.63 -5.19 15.62
N ALA A 104 2.87 -6.48 15.34
CA ALA A 104 3.46 -7.41 16.26
C ALA A 104 4.75 -6.90 16.86
N GLY A 105 5.68 -6.32 16.15
CA GLY A 105 6.81 -5.79 16.99
C GLY A 105 6.40 -4.98 18.27
N GLU A 106 5.36 -4.16 18.14
CA GLU A 106 5.35 -2.85 18.81
C GLU A 106 4.79 -2.84 20.23
N ARG A 107 5.20 -1.82 20.96
CA ARG A 107 4.72 -1.54 22.24
C ARG A 107 3.44 -0.73 22.15
N LEU A 108 2.67 -0.76 23.23
CA LEU A 108 1.41 -0.09 23.29
C LEU A 108 1.51 1.09 24.24
N PRO A 109 0.73 2.17 23.98
CA PRO A 109 0.80 3.23 24.98
C PRO A 109 0.20 2.82 26.37
N ALA A 110 0.88 3.24 27.44
CA ALA A 110 0.50 2.92 28.80
C ALA A 110 -0.59 3.77 29.29
N THR A 111 -0.76 4.97 28.75
CA THR A 111 -1.73 5.89 29.30
C THR A 111 -2.39 6.65 28.19
N PRO A 112 -3.55 7.29 28.46
CA PRO A 112 -4.18 8.23 27.50
C PRO A 112 -3.29 9.37 27.00
N GLU A 113 -2.45 9.89 27.89
CA GLU A 113 -1.57 11.00 27.55
C GLU A 113 -0.44 10.56 26.67
N THR A 114 0.18 9.44 26.97
CA THR A 114 1.09 8.81 26.04
C THR A 114 0.52 8.61 24.60
N ALA A 115 -0.74 8.16 24.54
CA ALA A 115 -1.40 7.92 23.28
C ALA A 115 -1.52 9.22 22.48
N VAL A 116 -1.98 10.24 23.16
CA VAL A 116 -2.12 11.56 22.55
C VAL A 116 -0.75 12.12 22.10
N ARG A 117 0.31 11.95 22.91
CA ARG A 117 1.65 12.45 22.57
C ARG A 117 2.25 11.76 21.38
N VAL A 118 2.09 10.45 21.29
CA VAL A 118 2.63 9.72 20.16
C VAL A 118 1.96 10.18 18.82
N VAL A 119 0.67 10.47 18.90
CA VAL A 119 -0.05 10.97 17.76
C VAL A 119 0.45 12.38 17.39
N ALA A 120 0.48 13.29 18.37
CA ALA A 120 1.07 14.62 18.21
C ALA A 120 2.51 14.57 17.56
N GLU A 121 3.36 13.73 18.09
CA GLU A 121 4.73 13.65 17.59
C GLU A 121 4.81 13.10 16.17
N SER A 122 4.05 12.03 15.92
CA SER A 122 3.96 11.47 14.58
C SER A 122 3.52 12.51 13.60
N THR A 123 2.54 13.29 13.98
CA THR A 123 1.97 14.31 13.11
C THR A 123 3.04 15.32 12.68
N LEU A 124 3.80 15.83 13.65
CA LEU A 124 4.95 16.70 13.32
C LEU A 124 5.95 16.05 12.40
N ARG A 125 6.29 14.80 12.63
CA ARG A 125 7.11 14.14 11.65
C ARG A 125 6.46 14.18 10.26
N ALA A 126 5.17 13.86 10.16
CA ALA A 126 4.51 13.88 8.85
C ALA A 126 4.48 15.25 8.19
N SER A 127 4.26 16.30 8.98
CA SER A 127 4.14 17.63 8.43
C SER A 127 5.44 18.15 7.80
N ASP A 128 6.56 17.75 8.37
CA ASP A 128 7.85 18.02 7.79
C ASP A 128 8.12 19.54 7.68
N GLY A 129 7.78 20.31 8.72
CA GLY A 129 7.90 21.74 8.72
C GLY A 129 6.89 22.50 7.88
N ASN A 130 5.86 21.88 7.30
CA ASN A 130 4.86 22.67 6.55
C ASN A 130 3.57 22.93 7.35
N PRO A 131 2.77 23.95 6.94
CA PRO A 131 1.47 24.16 7.51
C PRO A 131 0.62 22.93 7.25
N PHE A 132 -0.13 22.49 8.26
CA PHE A 132 -0.79 21.22 8.13
C PHE A 132 -2.15 21.26 8.80
N VAL A 133 -3.04 20.37 8.33
CA VAL A 133 -4.27 20.08 9.02
C VAL A 133 -4.36 18.63 9.47
N LEU A 134 -4.84 18.49 10.69
CA LEU A 134 -5.03 17.19 11.31
C LEU A 134 -6.41 16.70 10.98
N VAL A 135 -6.50 15.44 10.52
CA VAL A 135 -7.83 14.91 10.21
C VAL A 135 -8.04 13.55 10.77
N GLY A 136 -9.23 13.33 11.32
CA GLY A 136 -9.58 12.03 11.86
C GLY A 136 -11.00 11.64 11.53
N HIS A 137 -11.16 10.47 10.93
CA HIS A 137 -12.48 9.82 10.77
C HIS A 137 -12.86 9.09 12.04
N SER A 138 -14.10 9.26 12.43
CA SER A 138 -14.69 8.44 13.45
C SER A 138 -13.96 8.49 14.78
N SER A 139 -13.70 7.36 15.41
CA SER A 139 -12.91 7.28 16.61
C SER A 139 -11.50 7.86 16.49
N ALA A 140 -10.93 8.03 15.30
CA ALA A 140 -9.65 8.76 15.21
C ALA A 140 -9.85 10.27 15.52
N GLY A 141 -11.09 10.73 15.54
CA GLY A 141 -11.41 12.13 15.71
C GLY A 141 -10.96 12.74 16.99
N ALA A 142 -11.24 12.08 18.10
CA ALA A 142 -10.80 12.55 19.39
C ALA A 142 -9.28 12.62 19.47
N PHE A 143 -8.56 11.63 18.88
CA PHE A 143 -7.09 11.61 18.94
C PHE A 143 -6.47 12.71 18.09
N ALA A 144 -7.07 12.96 16.94
CA ALA A 144 -6.66 14.07 16.09
C ALA A 144 -6.86 15.43 16.78
N TYR A 145 -8.07 15.61 17.29
CA TYR A 145 -8.40 16.80 18.02
C TYR A 145 -7.49 17.02 19.21
N LEU A 146 -7.36 16.03 20.06
CA LEU A 146 -6.55 16.19 21.24
C LEU A 146 -5.05 16.34 20.93
N ALA A 147 -4.53 15.66 19.90
CA ALA A 147 -3.15 15.91 19.45
C ALA A 147 -2.99 17.35 19.00
N ALA A 148 -3.95 17.90 18.29
CA ALA A 148 -3.96 19.32 17.87
C ALA A 148 -3.88 20.22 19.14
N ALA A 149 -4.76 19.95 20.13
CA ALA A 149 -4.70 20.67 21.43
C ALA A 149 -3.35 20.57 22.18
N LEU A 150 -2.73 19.39 22.21
CA LEU A 150 -1.47 19.24 22.87
C LEU A 150 -0.36 19.98 22.07
N LEU A 151 -0.38 19.88 20.74
CA LEU A 151 0.59 20.60 19.93
C LEU A 151 0.55 22.11 20.27
N GLU A 152 -0.64 22.67 20.30
CA GLU A 152 -0.81 24.07 20.66
C GLU A 152 -0.40 24.37 22.10
N ASN A 153 -1.01 23.70 23.07
CA ASN A 153 -0.89 24.07 24.48
C ASN A 153 0.41 23.73 25.12
N THR A 154 1.07 22.65 24.69
CA THR A 154 2.33 22.20 25.28
C THR A 154 3.50 22.68 24.44
N TRP A 155 3.50 22.38 23.14
CA TRP A 155 4.64 22.77 22.29
C TRP A 155 4.52 24.12 21.57
N GLY A 156 3.38 24.83 21.72
CA GLY A 156 3.15 26.09 21.02
C GLY A 156 3.21 25.96 19.49
N ILE A 157 2.74 24.82 18.93
CA ILE A 157 2.63 24.71 17.48
C ILE A 157 1.19 24.42 17.04
N ARG A 158 0.66 25.23 16.14
CA ARG A 158 -0.72 25.19 15.80
C ARG A 158 -0.91 24.58 14.42
N PRO A 159 -1.70 23.50 14.34
CA PRO A 159 -2.20 23.10 13.05
C PRO A 159 -2.97 24.29 12.46
N GLU A 160 -3.05 24.39 11.15
CA GLU A 160 -4.02 25.32 10.50
C GLU A 160 -5.44 25.00 10.87
N ALA A 161 -5.78 23.72 10.93
CA ALA A 161 -7.13 23.30 11.33
C ALA A 161 -7.15 21.88 11.81
N VAL A 162 -8.32 21.47 12.32
CA VAL A 162 -8.66 20.08 12.59
C VAL A 162 -9.96 19.78 11.90
N VAL A 163 -9.99 18.64 11.22
CA VAL A 163 -11.16 18.21 10.49
C VAL A 163 -11.60 16.88 11.07
N LEU A 164 -12.86 16.83 11.49
CA LEU A 164 -13.43 15.67 12.09
C LEU A 164 -14.48 15.15 11.19
N LEU A 165 -14.27 13.91 10.76
CA LEU A 165 -15.17 13.25 9.86
C LEU A 165 -16.13 12.36 10.67
N ASP A 166 -17.34 12.86 10.83
CA ASP A 166 -18.44 12.20 11.57
C ASP A 166 -17.99 11.63 12.93
N THR A 167 -17.20 12.43 13.64
CA THR A 167 -16.77 12.13 15.01
C THR A 167 -17.91 12.51 15.99
N ALA A 181 -23.08 -1.14 20.24
CA ALA A 181 -23.11 -0.46 18.98
C ALA A 181 -23.21 -1.44 17.82
N GLY A 182 -24.20 -1.17 16.94
CA GLY A 182 -24.23 -1.71 15.58
C GLY A 182 -23.44 -0.87 14.55
N LEU A 183 -22.98 0.34 14.96
CA LEU A 183 -21.92 1.09 14.23
C LEU A 183 -20.69 0.18 14.18
N MET A 184 -20.37 -0.42 15.34
CA MET A 184 -19.38 -1.51 15.45
C MET A 184 -19.62 -2.62 14.43
N ARG A 185 -20.84 -3.20 14.42
CA ARG A 185 -21.15 -4.31 13.48
C ARG A 185 -21.17 -3.87 12.02
N ARG A 186 -21.61 -2.64 11.80
CA ARG A 186 -21.46 -2.02 10.50
C ARG A 186 -19.97 -1.96 10.15
N HIS A 187 -19.20 -1.37 11.04
CA HIS A 187 -17.79 -1.15 10.80
C HIS A 187 -17.08 -2.42 10.40
N PHE A 188 -17.32 -3.48 11.16
CA PHE A 188 -16.63 -4.76 10.98
C PHE A 188 -17.34 -5.73 10.04
N MET A 189 -18.43 -5.34 9.36
CA MET A 189 -18.99 -6.19 8.29
C MET A 189 -18.27 -5.96 6.97
N ASP A 191 -15.67 -4.71 3.65
CA ASP A 191 -14.72 -4.33 2.63
C ASP A 191 -13.93 -5.57 2.11
N VAL A 193 -13.94 -4.22 -0.39
CA VAL A 193 -13.08 -3.07 -0.64
C VAL A 193 -11.59 -3.45 -0.40
N SER A 194 -11.01 -3.01 0.73
CA SER A 194 -9.64 -3.41 1.11
C SER A 194 -9.67 -4.12 2.48
N PRO A 195 -10.14 -5.39 2.54
CA PRO A 195 -10.28 -6.14 3.80
C PRO A 195 -8.94 -6.41 4.48
N VAL A 196 -8.94 -6.38 5.82
CA VAL A 196 -7.72 -6.49 6.61
C VAL A 196 -7.79 -7.67 7.58
N ARG A 197 -6.74 -8.49 7.61
CA ARG A 197 -6.63 -9.55 8.60
C ARG A 197 -6.52 -8.94 10.00
N MET A 198 -7.48 -9.22 10.86
CA MET A 198 -7.37 -8.70 12.26
C MET A 198 -6.51 -9.65 13.10
N THR A 199 -5.21 -9.36 13.04
CA THR A 199 -4.19 -10.10 13.79
C THR A 199 -4.41 -9.90 15.28
N ASN A 200 -3.82 -10.79 16.09
CA ASN A 200 -3.85 -10.70 17.57
C ASN A 200 -3.30 -9.36 18.07
N SER A 201 -2.17 -8.91 17.46
CA SER A 201 -1.67 -7.57 17.71
C SER A 201 -2.65 -6.46 17.35
N ARG A 202 -3.35 -6.56 16.22
CA ARG A 202 -4.34 -5.55 15.87
C ARG A 202 -5.55 -5.51 16.85
N LEU A 203 -5.98 -6.68 17.27
CA LEU A 203 -7.13 -6.84 18.18
C LEU A 203 -6.83 -6.28 19.56
N SER A 204 -5.65 -6.64 20.07
CA SER A 204 -5.23 -6.15 21.36
C SER A 204 -4.88 -4.68 21.34
N ALA A 205 -4.30 -4.19 20.24
CA ALA A 205 -3.99 -2.78 20.15
C ALA A 205 -5.30 -1.99 20.11
N MET A 206 -6.27 -2.54 19.41
CA MET A 206 -7.61 -1.95 19.40
C MET A 206 -8.19 -1.81 20.80
N ALA A 207 -8.12 -2.86 21.60
CA ALA A 207 -8.74 -2.78 22.93
C ALA A 207 -8.08 -1.68 23.76
N ARG A 208 -6.74 -1.68 23.77
CA ARG A 208 -5.96 -0.67 24.52
C ARG A 208 -6.28 0.77 24.06
N TRP A 209 -6.18 1.05 22.74
CA TRP A 209 -6.43 2.42 22.21
C TRP A 209 -7.87 2.85 22.36
N MET A 210 -8.82 1.98 22.01
CA MET A 210 -10.25 2.30 22.23
C MET A 210 -10.59 2.40 23.69
N GLY A 211 -9.96 1.55 24.50
CA GLY A 211 -10.04 1.64 25.96
C GLY A 211 -9.75 3.03 26.50
N MET A 212 -8.82 3.74 25.88
CA MET A 212 -8.43 5.06 26.38
C MET A 212 -9.30 6.22 26.01
N LEU A 213 -10.22 5.99 25.05
CA LEU A 213 -11.24 6.97 24.65
C LEU A 213 -12.10 7.41 25.78
N ASN A 214 -12.51 6.47 26.64
CA ASN A 214 -13.25 6.73 27.88
C ASN A 214 -12.43 7.50 28.90
N GLN A 215 -11.11 7.36 28.88
CA GLN A 215 -10.25 8.07 29.84
C GLN A 215 -9.73 9.43 29.36
N LEU A 216 -10.18 9.89 28.19
CA LEU A 216 -9.70 11.15 27.62
C LEU A 216 -10.51 12.30 28.21
N GLU A 217 -9.82 13.29 28.78
CA GLU A 217 -10.43 14.57 29.19
C GLU A 217 -10.23 15.59 28.06
N VAL A 218 -11.31 16.29 27.70
CA VAL A 218 -11.24 17.30 26.64
C VAL A 218 -10.29 18.46 27.00
N ARG A 219 -9.62 18.99 25.98
CA ARG A 219 -8.80 20.18 26.07
C ARG A 219 -9.27 21.12 25.02
N HIS A 220 -9.17 22.41 25.29
CA HIS A 220 -9.53 23.41 24.32
C HIS A 220 -8.28 23.72 23.49
N THR A 221 -8.54 24.22 22.30
CA THR A 221 -7.52 24.57 21.33
C THR A 221 -8.18 25.67 20.58
N THR A 222 -7.42 26.68 20.19
CA THR A 222 -7.95 27.80 19.43
C THR A 222 -7.94 27.55 17.91
N VAL A 223 -7.42 26.43 17.39
CA VAL A 223 -7.41 26.35 15.91
C VAL A 223 -8.83 26.08 15.39
N PRO A 224 -9.15 26.53 14.17
CA PRO A 224 -10.38 26.19 13.54
C PRO A 224 -10.61 24.66 13.47
N VAL A 225 -11.86 24.27 13.71
CA VAL A 225 -12.26 22.92 13.82
C VAL A 225 -13.49 22.81 12.95
N LEU A 226 -13.38 21.99 11.89
CA LEU A 226 -14.51 21.62 11.03
C LEU A 226 -14.96 20.20 11.39
N ILE A 227 -16.24 20.06 11.75
CA ILE A 227 -16.90 18.80 11.89
C ILE A 227 -17.76 18.58 10.64
N ILE A 228 -17.42 17.55 9.85
CA ILE A 228 -18.27 17.11 8.77
C ILE A 228 -19.20 15.97 9.25
N ARG A 229 -20.50 16.27 9.33
CA ARG A 229 -21.51 15.33 9.85
C ARG A 229 -21.98 14.38 8.77
N ALA A 230 -22.16 13.09 9.08
CA ALA A 230 -22.73 12.19 8.06
C ALA A 230 -24.24 12.40 8.19
N ALA A 231 -24.86 13.05 7.21
CA ALA A 231 -26.30 13.40 7.35
C ALA A 231 -27.23 12.16 7.53
N LYS A 232 -26.88 11.01 6.93
CA LYS A 232 -27.71 9.80 7.04
C LYS A 232 -27.63 9.07 8.40
N GLU A 233 -26.77 9.53 9.30
CA GLU A 233 -26.81 9.06 10.67
C GLU A 233 -27.86 9.82 11.50
N THR A 234 -28.17 11.08 11.15
CA THR A 234 -29.21 11.89 11.81
C THR A 234 -30.66 11.44 11.48
N PHE A 235 -31.57 11.49 12.47
CA PHE A 235 -32.99 11.09 12.29
C PHE A 235 -33.85 12.28 11.89
N VAL A 252 -15.53 26.43 15.46
CA VAL A 252 -16.19 25.13 15.20
C VAL A 252 -17.29 25.27 14.17
N ASP A 253 -16.99 24.99 12.92
CA ASP A 253 -17.99 24.88 11.86
C ASP A 253 -18.47 23.45 11.64
N VAL A 254 -19.78 23.32 11.52
CA VAL A 254 -20.41 22.08 11.15
C VAL A 254 -20.90 22.21 9.72
N ARG A 255 -20.49 21.26 8.89
CA ARG A 255 -21.01 21.06 7.55
C ARG A 255 -21.46 19.63 7.58
N SER A 256 -22.41 19.31 6.69
CA SER A 256 -22.88 17.93 6.54
C SER A 256 -22.82 17.58 5.08
N VAL A 257 -22.73 16.29 4.87
CA VAL A 257 -22.45 15.71 3.61
C VAL A 257 -23.48 14.61 3.55
N ASP A 258 -23.88 14.30 2.33
CA ASP A 258 -24.96 13.38 2.07
C ASP A 258 -24.33 11.99 2.03
N ALA A 259 -24.27 11.36 3.20
CA ALA A 259 -23.55 10.12 3.36
C ALA A 259 -23.73 9.56 4.76
N ASP A 260 -23.36 8.28 4.89
CA ASP A 260 -23.38 7.64 6.20
C ASP A 260 -21.92 7.59 6.71
N HIS A 261 -21.80 7.15 7.94
CA HIS A 261 -20.56 7.18 8.71
C HIS A 261 -19.42 6.57 7.88
N PHE A 262 -19.75 5.53 7.11
CA PHE A 262 -18.84 4.73 6.31
C PHE A 262 -18.66 5.16 4.88
N SER A 263 -19.74 5.54 4.21
CA SER A 263 -19.63 6.01 2.81
C SER A 263 -18.90 7.33 2.71
N MET A 264 -18.88 8.13 3.77
CA MET A 264 -18.20 9.46 3.69
C MET A 264 -16.68 9.38 3.42
N VAL A 265 -16.05 8.21 3.68
CA VAL A 265 -14.67 7.97 3.26
C VAL A 265 -14.55 6.87 2.25
N ARG A 266 -15.68 6.44 1.69
CA ARG A 266 -15.66 5.43 0.65
C ARG A 266 -16.34 6.06 -0.58
N ASP A 267 -17.58 5.69 -0.90
CA ASP A 267 -18.20 6.14 -2.16
C ASP A 267 -18.51 7.63 -2.17
N ASP A 268 -18.80 8.22 -1.01
CA ASP A 268 -19.03 9.66 -0.92
C ASP A 268 -17.79 10.47 -0.50
N ALA A 269 -16.60 9.85 -0.61
CA ALA A 269 -15.31 10.50 -0.39
C ALA A 269 -15.08 11.71 -1.27
N PRO A 270 -15.41 11.66 -2.58
CA PRO A 270 -15.26 12.87 -3.41
C PRO A 270 -15.95 14.11 -2.85
N GLU A 271 -17.18 13.97 -2.38
CA GLU A 271 -17.90 15.07 -1.78
C GLU A 271 -17.31 15.51 -0.40
N THR A 272 -16.91 14.54 0.43
CA THR A 272 -16.21 14.87 1.67
C THR A 272 -14.94 15.72 1.34
N ALA A 273 -14.15 15.24 0.37
CA ALA A 273 -12.92 15.91 0.00
C ALA A 273 -13.16 17.41 -0.45
N ARG A 274 -14.22 17.61 -1.27
CA ARG A 274 -14.65 18.94 -1.72
C ARG A 274 -14.99 19.86 -0.56
N ILE A 275 -15.84 19.41 0.35
CA ILE A 275 -16.18 20.22 1.53
C ILE A 275 -14.92 20.61 2.31
N VAL A 276 -13.98 19.67 2.43
CA VAL A 276 -12.75 19.91 3.16
C VAL A 276 -11.94 21.00 2.48
N LYS A 277 -11.70 20.85 1.18
CA LYS A 277 -10.86 21.76 0.38
C LYS A 277 -11.46 23.12 0.30
N GLU A 278 -12.79 23.18 0.23
CA GLU A 278 -13.51 24.46 0.11
C GLU A 278 -13.52 25.15 1.43
N TRP A 279 -13.68 24.41 2.51
CA TRP A 279 -13.60 24.99 3.83
C TRP A 279 -12.18 25.51 4.17
N LEU A 280 -11.16 24.73 3.89
CA LEU A 280 -9.83 25.19 4.10
C LEU A 280 -9.58 26.43 3.26
N ASP A 281 -10.06 26.42 2.02
CA ASP A 281 -9.86 27.59 1.15
C ASP A 281 -10.46 28.87 1.79
N SER A 282 -11.61 28.76 2.50
CA SER A 282 -12.23 29.86 3.29
C SER A 282 -11.32 30.45 4.32
N LEU A 283 -10.49 29.61 4.91
CA LEU A 283 -9.42 30.09 5.75
C LEU A 283 -8.43 30.83 4.85
N GLU B 8 26.01 -26.89 -3.14
CA GLU B 8 25.55 -28.25 -3.59
C GLU B 8 25.84 -28.54 -5.08
N THR B 9 26.42 -29.72 -5.36
CA THR B 9 26.54 -30.25 -6.74
C THR B 9 25.19 -30.71 -7.33
N ASP B 10 24.28 -31.09 -6.42
CA ASP B 10 22.93 -31.44 -6.79
C ASP B 10 21.91 -30.34 -6.39
N SER B 11 22.27 -29.06 -6.57
CA SER B 11 21.40 -27.94 -6.15
C SER B 11 20.18 -27.98 -7.03
N LEU B 12 19.08 -27.50 -6.47
CA LEU B 12 17.91 -27.25 -7.31
C LEU B 12 18.18 -26.28 -8.44
N GLU B 13 18.99 -25.26 -8.24
CA GLU B 13 19.42 -24.43 -9.41
C GLU B 13 19.97 -25.35 -10.57
N ARG B 14 20.94 -26.19 -10.26
CA ARG B 14 21.55 -27.07 -11.27
C ARG B 14 20.46 -27.86 -11.94
N MET B 15 19.63 -28.56 -11.18
CA MET B 15 18.60 -29.44 -11.75
C MET B 15 17.52 -28.65 -12.53
N PHE B 16 17.11 -27.47 -12.05
CA PHE B 16 16.23 -26.67 -12.87
C PHE B 16 16.92 -26.37 -14.21
N LEU B 17 18.15 -25.84 -14.20
CA LEU B 17 18.82 -25.46 -15.44
C LEU B 17 18.99 -26.71 -16.35
N ASP B 18 19.36 -27.86 -15.78
CA ASP B 18 19.34 -29.14 -16.52
C ASP B 18 18.08 -29.37 -17.27
N ALA B 19 16.96 -29.32 -16.57
CA ALA B 19 15.65 -29.65 -17.12
C ALA B 19 15.12 -28.70 -18.22
N LEU B 20 15.64 -27.50 -18.21
CA LEU B 20 15.26 -26.48 -19.14
C LEU B 20 16.00 -26.81 -20.45
N GLU B 21 17.33 -27.09 -20.36
CA GLU B 21 18.15 -27.52 -21.52
C GLU B 21 17.64 -28.81 -22.15
N SER B 22 17.10 -29.73 -21.34
CA SER B 22 16.45 -30.94 -21.87
C SER B 22 14.97 -30.75 -22.27
N GLY B 23 14.47 -29.52 -22.33
CA GLY B 23 13.07 -29.26 -22.64
C GLY B 23 12.02 -29.99 -21.79
N ARG B 24 12.43 -30.46 -20.62
CA ARG B 24 11.57 -31.21 -19.73
C ARG B 24 10.97 -30.21 -18.81
N ILE B 25 10.46 -29.14 -19.38
CA ILE B 25 9.85 -28.10 -18.59
C ILE B 25 8.56 -28.50 -17.84
N PRO B 26 7.80 -29.49 -18.34
CA PRO B 26 6.67 -29.90 -17.49
C PRO B 26 7.06 -30.59 -16.19
N GLU B 27 8.02 -31.48 -16.25
CA GLU B 27 8.46 -32.10 -15.01
C GLU B 27 9.03 -31.04 -14.01
N ALA B 28 9.87 -30.11 -14.50
CA ALA B 28 10.48 -29.05 -13.63
C ALA B 28 9.39 -28.18 -13.05
N GLN B 29 8.36 -27.97 -13.91
CA GLN B 29 7.05 -27.38 -13.55
C GLN B 29 6.41 -28.06 -12.35
N ARG B 30 6.13 -29.36 -12.48
CA ARG B 30 5.44 -30.07 -11.40
C ARG B 30 6.34 -29.99 -10.09
N MET B 31 7.67 -30.12 -10.26
CA MET B 31 8.56 -30.10 -9.12
C MET B 31 8.47 -28.78 -8.34
N LEU B 32 8.71 -27.65 -9.03
CA LEU B 32 8.82 -26.37 -8.24
C LEU B 32 7.50 -25.87 -7.63
N SER B 33 6.37 -26.15 -8.25
CA SER B 33 5.08 -25.83 -7.61
C SER B 33 4.78 -26.77 -6.42
N ALA B 34 5.15 -28.07 -6.50
CA ALA B 34 5.03 -28.91 -5.30
C ALA B 34 5.89 -28.32 -4.21
N LEU B 35 7.11 -27.84 -4.55
CA LEU B 35 7.91 -27.06 -3.57
C LEU B 35 7.18 -25.78 -3.18
N GLY B 36 6.71 -25.08 -4.20
CA GLY B 36 5.80 -23.93 -4.03
C GLY B 36 4.72 -24.19 -2.96
N ALA B 37 4.00 -25.30 -3.11
CA ALA B 37 2.91 -25.60 -2.15
C ALA B 37 3.34 -25.71 -0.67
N LEU B 38 4.58 -26.13 -0.38
CA LEU B 38 5.06 -26.24 0.99
C LEU B 38 5.43 -24.94 1.64
N ARG B 39 5.55 -23.84 0.89
CA ARG B 39 5.95 -22.56 1.52
C ARG B 39 4.76 -21.92 2.31
N PRO B 40 5.03 -21.32 3.46
CA PRO B 40 4.16 -20.43 4.22
C PRO B 40 3.64 -19.26 3.38
N SER B 41 2.39 -18.93 3.63
CA SER B 41 1.58 -18.11 2.76
C SER B 41 0.99 -16.94 3.56
N PHE B 42 0.63 -15.84 2.90
CA PHE B 42 -0.19 -14.80 3.51
C PHE B 42 -1.35 -14.62 2.60
N GLU B 43 -2.54 -14.33 3.14
CA GLU B 43 -3.73 -14.05 2.34
C GLU B 43 -3.96 -12.56 2.22
N ASN B 44 -3.35 -11.82 3.12
CA ASN B 44 -3.67 -10.44 3.27
C ASN B 44 -2.37 -9.76 3.73
N THR B 45 -2.09 -8.59 3.19
CA THR B 45 -0.85 -7.82 3.51
C THR B 45 -0.66 -7.39 4.98
N ALA B 46 -1.76 -7.36 5.74
CA ALA B 46 -1.70 -7.11 7.21
C ALA B 46 -1.00 -8.23 7.96
N GLU B 47 -0.91 -9.39 7.33
CA GLU B 47 -0.14 -10.50 7.87
C GLU B 47 1.35 -10.31 7.73
N LEU B 48 1.81 -9.33 6.95
CA LEU B 48 3.25 -9.17 6.69
C LEU B 48 3.91 -8.15 7.66
N GLU B 49 5.20 -8.35 8.01
CA GLU B 49 6.00 -7.34 8.78
C GLU B 49 6.13 -6.02 7.99
N ASP B 50 6.37 -6.12 6.68
CA ASP B 50 6.44 -4.95 5.83
C ASP B 50 6.11 -5.36 4.36
N LEU B 51 5.60 -4.41 3.58
CA LEU B 51 5.55 -4.51 2.12
C LEU B 51 6.99 -4.54 1.55
N PRO B 52 7.16 -5.01 0.30
CA PRO B 52 8.50 -4.92 -0.34
C PRO B 52 8.94 -3.48 -0.46
N LEU B 53 10.25 -3.30 -0.35
CA LEU B 53 10.83 -1.95 -0.36
C LEU B 53 11.24 -1.60 -1.78
N PRO B 54 10.81 -0.43 -2.32
CA PRO B 54 11.26 -0.03 -3.67
C PRO B 54 12.73 0.38 -3.71
N ALA B 55 13.39 0.08 -4.83
CA ALA B 55 14.75 0.51 -5.07
C ALA B 55 14.69 1.68 -6.07
N THR B 56 15.26 2.81 -5.70
CA THR B 56 15.36 3.95 -6.56
C THR B 56 16.45 3.68 -7.56
N LEU B 57 16.11 3.78 -8.82
CA LEU B 57 17.07 3.50 -9.90
C LEU B 57 17.46 4.72 -10.72
N ALA B 58 16.67 5.77 -10.63
CA ALA B 58 16.99 7.03 -11.25
C ALA B 58 16.21 8.10 -10.51
N GLU B 59 16.70 9.33 -10.65
CA GLU B 59 16.00 10.52 -10.11
C GLU B 59 15.97 11.64 -11.13
N GLY B 60 14.99 12.51 -10.95
CA GLY B 60 14.81 13.67 -11.81
C GLY B 60 13.53 14.47 -11.57
N PRO B 61 13.40 15.60 -12.29
CA PRO B 61 12.33 16.56 -12.11
C PRO B 61 11.16 16.29 -13.02
N GLY B 62 11.32 15.42 -14.02
CA GLY B 62 10.25 15.09 -14.96
C GLY B 62 9.16 14.35 -14.24
N ALA B 63 8.03 14.22 -14.90
CA ALA B 63 6.86 13.56 -14.39
C ALA B 63 6.06 13.06 -15.60
N PRO B 64 5.37 11.91 -15.52
CA PRO B 64 5.25 11.10 -14.31
C PRO B 64 6.43 10.13 -14.11
N ARG B 65 6.71 9.84 -12.86
CA ARG B 65 7.66 8.86 -12.50
C ARG B 65 7.24 7.46 -12.90
N LEU B 66 8.21 6.56 -12.99
CA LEU B 66 8.06 5.19 -13.46
C LEU B 66 8.33 4.27 -12.28
N ILE B 67 7.43 3.31 -12.11
CA ILE B 67 7.56 2.29 -11.07
C ILE B 67 7.55 0.94 -11.78
N CYS B 68 8.59 0.15 -11.59
CA CYS B 68 8.80 -1.04 -12.40
C CYS B 68 8.55 -2.25 -11.48
N VAL B 69 7.86 -3.27 -12.00
CA VAL B 69 7.59 -4.50 -11.30
C VAL B 69 8.60 -5.56 -11.70
N SER B 70 9.32 -6.13 -10.73
CA SER B 70 10.23 -7.24 -11.02
C SER B 70 9.48 -8.40 -11.66
N THR B 71 10.14 -9.13 -12.58
CA THR B 71 9.53 -10.32 -13.14
C THR B 71 9.49 -11.43 -12.12
N PRO B 72 8.46 -12.29 -12.16
CA PRO B 72 8.38 -13.41 -11.24
C PRO B 72 9.32 -14.57 -11.63
N THR B 73 10.59 -14.27 -11.89
CA THR B 73 11.54 -15.27 -12.26
C THR B 73 12.53 -15.40 -11.11
N ALA B 74 13.14 -16.56 -11.01
CA ALA B 74 13.97 -16.89 -9.87
C ALA B 74 15.24 -16.09 -9.88
N ASN B 75 15.68 -15.64 -11.06
CA ASN B 75 16.81 -14.69 -11.14
C ASN B 75 16.36 -13.19 -11.27
N GLY B 76 15.08 -12.91 -11.07
CA GLY B 76 14.54 -11.56 -11.27
C GLY B 76 14.79 -10.69 -10.09
N GLY B 77 14.35 -9.43 -10.15
CA GLY B 77 14.60 -8.49 -9.03
C GLY B 77 14.82 -7.09 -9.57
N VAL B 78 15.17 -6.13 -8.71
CA VAL B 78 15.14 -4.73 -9.15
C VAL B 78 16.20 -4.44 -10.18
N HIS B 79 17.28 -5.20 -10.10
CA HIS B 79 18.38 -5.13 -11.09
C HIS B 79 17.86 -5.21 -12.52
N GLU B 80 16.66 -5.79 -12.75
CA GLU B 80 16.15 -6.00 -14.08
C GLU B 80 15.95 -4.75 -14.90
N TYR B 81 15.75 -3.63 -14.21
CA TYR B 81 15.40 -2.38 -14.80
C TYR B 81 16.53 -1.34 -14.68
N ALA B 82 17.70 -1.75 -14.23
CA ALA B 82 18.84 -0.83 -14.00
C ALA B 82 19.26 -0.15 -15.29
N ARG B 83 19.41 -0.95 -16.34
CA ARG B 83 19.81 -0.47 -17.67
C ARG B 83 18.74 0.38 -18.29
N LEU B 84 17.48 -0.09 -18.24
CA LEU B 84 16.41 0.73 -18.68
C LEU B 84 16.41 2.08 -17.96
N ALA B 85 16.54 2.02 -16.62
CA ALA B 85 16.50 3.23 -15.79
C ALA B 85 17.65 4.20 -16.08
N ALA B 86 18.82 3.64 -16.47
CA ALA B 86 19.99 4.46 -16.84
C ALA B 86 19.66 5.52 -17.89
N SER B 87 18.81 5.24 -18.88
CA SER B 87 18.40 6.30 -19.85
C SER B 87 17.52 7.38 -19.27
N PHE B 88 17.03 7.19 -18.06
CA PHE B 88 16.21 8.20 -17.41
C PHE B 88 16.96 8.99 -16.35
N ARG B 89 18.25 8.69 -16.15
CA ARG B 89 19.02 9.28 -15.06
C ARG B 89 19.04 10.80 -15.29
N GLY B 90 18.68 11.55 -14.26
CA GLY B 90 18.57 13.00 -14.34
C GLY B 90 17.29 13.55 -14.94
N GLU B 91 16.49 12.70 -15.56
CA GLU B 91 15.31 13.17 -16.32
C GLU B 91 14.00 12.94 -15.49
N ARG B 92 13.89 11.81 -14.78
CA ARG B 92 12.75 11.55 -13.85
C ARG B 92 13.06 10.40 -12.90
N HIS B 93 12.25 10.32 -11.84
CA HIS B 93 12.27 9.21 -10.88
C HIS B 93 11.86 7.87 -11.55
N VAL B 94 12.65 6.85 -11.27
CA VAL B 94 12.41 5.48 -11.67
C VAL B 94 12.70 4.64 -10.44
N SER B 95 11.70 3.86 -10.01
CA SER B 95 11.95 2.82 -8.99
C SER B 95 11.51 1.44 -9.45
N ALA B 96 11.99 0.40 -8.78
CA ALA B 96 11.57 -0.94 -9.11
C ALA B 96 11.16 -1.59 -7.82
N LEU B 97 10.28 -2.56 -7.92
CA LEU B 97 9.71 -3.26 -6.75
C LEU B 97 10.16 -4.72 -6.79
N PRO B 98 10.76 -5.21 -5.68
CA PRO B 98 10.98 -6.66 -5.53
C PRO B 98 9.59 -7.32 -5.37
N LEU B 99 9.48 -8.62 -5.64
CA LEU B 99 8.25 -9.38 -5.32
C LEU B 99 8.48 -10.15 -4.03
N VAL B 100 7.47 -10.19 -3.16
CA VAL B 100 7.64 -10.76 -1.85
C VAL B 100 7.65 -12.30 -2.07
N GLY B 101 8.54 -12.96 -1.31
CA GLY B 101 8.66 -14.39 -1.24
C GLY B 101 9.92 -14.96 -1.85
N PHE B 102 10.62 -14.21 -2.67
CA PHE B 102 11.89 -14.61 -3.29
C PHE B 102 13.13 -14.60 -2.33
N ALA B 103 13.10 -13.80 -1.25
CA ALA B 103 14.12 -13.90 -0.19
C ALA B 103 13.75 -15.02 0.80
N ALA B 104 14.76 -15.70 1.34
CA ALA B 104 14.60 -16.90 2.17
C ALA B 104 13.57 -16.92 3.32
N GLY B 105 13.41 -15.87 4.11
CA GLY B 105 12.36 -15.95 5.18
C GLY B 105 10.93 -15.46 4.84
N GLU B 106 10.72 -15.00 3.59
CA GLU B 106 9.50 -14.32 3.21
C GLU B 106 8.39 -15.27 2.87
N ARG B 107 7.19 -14.83 3.15
CA ARG B 107 6.00 -15.61 2.79
C ARG B 107 5.58 -15.33 1.35
N LEU B 108 4.81 -16.24 0.80
CA LEU B 108 4.26 -16.10 -0.52
C LEU B 108 2.79 -15.78 -0.54
N PRO B 109 2.32 -15.07 -1.60
CA PRO B 109 0.88 -14.81 -1.74
C PRO B 109 0.06 -16.14 -1.87
N ALA B 110 -1.02 -16.24 -1.10
CA ALA B 110 -1.86 -17.44 -1.08
C ALA B 110 -2.81 -17.52 -2.28
N THR B 111 -3.19 -16.39 -2.86
CA THR B 111 -4.21 -16.33 -3.93
C THR B 111 -3.72 -15.34 -4.99
N PRO B 112 -4.19 -15.48 -6.27
CA PRO B 112 -3.94 -14.42 -7.29
C PRO B 112 -4.24 -12.99 -6.82
N GLU B 113 -5.43 -12.80 -6.26
CA GLU B 113 -5.83 -11.50 -5.79
C GLU B 113 -4.79 -10.91 -4.75
N THR B 114 -4.31 -11.72 -3.83
CA THR B 114 -3.32 -11.32 -2.87
C THR B 114 -2.01 -10.90 -3.55
N ALA B 115 -1.62 -11.62 -4.60
CA ALA B 115 -0.42 -11.29 -5.35
C ALA B 115 -0.55 -9.89 -6.09
N VAL B 116 -1.69 -9.65 -6.73
CA VAL B 116 -1.96 -8.38 -7.39
C VAL B 116 -2.01 -7.28 -6.32
N ARG B 117 -2.61 -7.56 -5.17
CA ARG B 117 -2.75 -6.52 -4.14
C ARG B 117 -1.43 -6.07 -3.61
N VAL B 118 -0.57 -7.04 -3.35
CA VAL B 118 0.74 -6.73 -2.83
C VAL B 118 1.55 -5.89 -3.83
N VAL B 119 1.46 -6.18 -5.12
CA VAL B 119 2.07 -5.37 -6.13
C VAL B 119 1.46 -3.95 -6.11
N ALA B 120 0.12 -3.85 -6.06
CA ALA B 120 -0.57 -2.58 -6.13
C ALA B 120 -0.24 -1.70 -4.89
N GLU B 121 -0.14 -2.34 -3.69
CA GLU B 121 0.22 -1.61 -2.49
C GLU B 121 1.66 -1.15 -2.48
N SER B 122 2.60 -1.97 -2.90
CA SER B 122 3.97 -1.51 -2.90
C SER B 122 4.24 -0.41 -4.00
N THR B 123 3.45 -0.46 -5.06
CA THR B 123 3.39 0.55 -6.10
C THR B 123 2.98 1.88 -5.49
N LEU B 124 1.87 1.87 -4.78
CA LEU B 124 1.39 3.05 -4.08
C LEU B 124 2.45 3.70 -3.18
N ARG B 125 3.05 2.90 -2.33
CA ARG B 125 4.16 3.35 -1.49
C ARG B 125 5.28 3.93 -2.37
N ALA B 126 5.76 3.20 -3.36
CA ALA B 126 6.82 3.75 -4.25
C ALA B 126 6.48 5.09 -4.88
N SER B 127 5.19 5.35 -5.12
CA SER B 127 4.79 6.53 -5.83
C SER B 127 5.05 7.79 -5.05
N ASP B 128 5.08 7.71 -3.74
CA ASP B 128 5.25 8.86 -2.88
C ASP B 128 4.11 9.88 -3.03
N GLY B 129 2.98 9.43 -3.53
CA GLY B 129 1.82 10.26 -3.69
C GLY B 129 1.80 11.01 -5.01
N ASN B 130 2.85 10.83 -5.80
CA ASN B 130 3.02 11.55 -7.07
C ASN B 130 2.33 10.80 -8.21
N PRO B 131 1.96 11.50 -9.29
CA PRO B 131 1.52 10.79 -10.54
C PRO B 131 2.57 9.76 -10.99
N PHE B 132 2.14 8.60 -11.43
CA PHE B 132 3.08 7.48 -11.67
C PHE B 132 2.60 6.66 -12.82
N VAL B 133 3.53 5.96 -13.45
CA VAL B 133 3.20 4.93 -14.40
C VAL B 133 3.82 3.62 -13.97
N LEU B 134 3.06 2.58 -14.25
CA LEU B 134 3.47 1.23 -13.89
C LEU B 134 4.10 0.62 -15.09
N VAL B 135 5.30 0.08 -14.93
CA VAL B 135 5.96 -0.63 -16.01
C VAL B 135 6.30 -2.08 -15.70
N GLY B 136 6.15 -2.94 -16.70
CA GLY B 136 6.47 -4.36 -16.53
C GLY B 136 7.01 -4.92 -17.82
N HIS B 137 8.19 -5.51 -17.72
CA HIS B 137 8.75 -6.32 -18.78
C HIS B 137 8.14 -7.71 -18.74
N SER B 138 7.80 -8.21 -19.91
CA SER B 138 7.54 -9.63 -20.05
C SER B 138 6.42 -10.06 -19.09
N SER B 139 6.65 -11.11 -18.27
CA SER B 139 5.68 -11.62 -17.35
C SER B 139 5.30 -10.56 -16.28
N ALA B 140 6.17 -9.60 -16.00
CA ALA B 140 5.78 -8.56 -15.06
C ALA B 140 4.66 -7.69 -15.54
N GLY B 141 4.46 -7.62 -16.87
CA GLY B 141 3.47 -6.72 -17.44
C GLY B 141 2.03 -7.01 -17.08
N ALA B 142 1.65 -8.28 -17.06
CA ALA B 142 0.33 -8.64 -16.57
C ALA B 142 0.13 -8.18 -15.14
N PHE B 143 1.15 -8.32 -14.27
CA PHE B 143 1.02 -7.83 -12.89
C PHE B 143 0.94 -6.31 -12.83
N ALA B 144 1.73 -5.62 -13.65
CA ALA B 144 1.69 -4.16 -13.68
C ALA B 144 0.28 -3.73 -14.14
N TYR B 145 -0.22 -4.42 -15.17
CA TYR B 145 -1.49 -4.08 -15.74
C TYR B 145 -2.61 -4.32 -14.72
N LEU B 146 -2.66 -5.48 -14.11
CA LEU B 146 -3.76 -5.76 -13.13
C LEU B 146 -3.61 -4.96 -11.87
N ALA B 147 -2.39 -4.63 -11.44
CA ALA B 147 -2.20 -3.71 -10.34
C ALA B 147 -2.83 -2.30 -10.64
N ALA B 148 -2.65 -1.81 -11.85
CA ALA B 148 -3.29 -0.58 -12.28
C ALA B 148 -4.83 -0.69 -12.19
N ALA B 149 -5.36 -1.76 -12.74
CA ALA B 149 -6.80 -2.02 -12.67
C ALA B 149 -7.32 -2.07 -11.24
N LEU B 150 -6.60 -2.74 -10.33
CA LEU B 150 -7.05 -2.91 -8.99
C LEU B 150 -6.96 -1.56 -8.24
N LEU B 151 -5.86 -0.84 -8.38
CA LEU B 151 -5.80 0.52 -7.85
C LEU B 151 -6.99 1.42 -8.30
N GLU B 152 -7.31 1.42 -9.60
CA GLU B 152 -8.43 2.21 -10.13
C GLU B 152 -9.75 1.76 -9.52
N ASN B 153 -9.99 0.44 -9.50
CA ASN B 153 -11.26 -0.14 -9.01
C ASN B 153 -11.47 -0.21 -7.49
N THR B 154 -10.41 -0.33 -6.71
CA THR B 154 -10.48 -0.44 -5.28
C THR B 154 -10.31 0.91 -4.65
N TRP B 155 -9.21 1.61 -4.93
CA TRP B 155 -9.06 2.93 -4.29
C TRP B 155 -9.42 4.14 -5.13
N GLY B 156 -9.84 3.94 -6.38
CA GLY B 156 -10.03 5.10 -7.26
C GLY B 156 -8.75 5.92 -7.37
N ILE B 157 -7.60 5.23 -7.37
CA ILE B 157 -6.32 5.88 -7.66
C ILE B 157 -5.94 5.33 -8.99
N ARG B 158 -5.80 6.25 -9.94
CA ARG B 158 -5.36 5.92 -11.29
C ARG B 158 -3.86 6.21 -11.58
N PRO B 159 -3.09 5.19 -11.97
CA PRO B 159 -1.83 5.52 -12.63
C PRO B 159 -2.03 6.38 -13.90
N GLU B 160 -1.01 7.12 -14.32
CA GLU B 160 -1.15 7.96 -15.52
C GLU B 160 -1.18 7.05 -16.70
N ALA B 161 -0.47 5.92 -16.55
CA ALA B 161 -0.45 4.95 -17.59
C ALA B 161 0.15 3.62 -17.15
N VAL B 162 0.06 2.63 -18.02
CA VAL B 162 0.77 1.39 -17.88
C VAL B 162 1.56 1.15 -19.15
N VAL B 163 2.82 0.70 -18.97
CA VAL B 163 3.71 0.41 -20.05
C VAL B 163 4.13 -1.02 -19.94
N LEU B 164 3.83 -1.76 -21.01
CA LEU B 164 4.16 -3.16 -21.18
C LEU B 164 5.30 -3.37 -22.25
N LEU B 165 6.38 -4.01 -21.82
CA LEU B 165 7.58 -4.27 -22.61
C LEU B 165 7.55 -5.70 -23.07
N ASP B 166 6.90 -5.87 -24.21
CA ASP B 166 6.73 -7.12 -24.94
C ASP B 166 5.97 -8.24 -24.18
N THR B 167 4.94 -7.86 -23.40
CA THR B 167 4.21 -8.82 -22.56
C THR B 167 3.26 -9.68 -23.44
N LEU B 168 3.10 -10.96 -23.11
CA LEU B 168 2.04 -11.80 -23.74
C LEU B 168 0.63 -11.40 -23.26
N SER B 169 -0.39 -11.71 -24.04
CA SER B 169 -1.81 -11.33 -23.75
C SER B 169 -2.28 -11.52 -22.31
N ALA B 181 7.79 -21.57 -22.56
CA ALA B 181 8.27 -22.33 -23.71
C ALA B 181 9.82 -22.30 -23.77
N GLY B 182 10.37 -22.33 -24.99
CA GLY B 182 11.71 -21.82 -25.26
C GLY B 182 11.97 -20.38 -24.77
N LEU B 183 10.94 -19.56 -24.66
CA LEU B 183 11.08 -18.20 -24.08
C LEU B 183 11.56 -18.26 -22.61
N MET B 184 10.90 -19.14 -21.83
CA MET B 184 11.34 -19.48 -20.46
C MET B 184 12.81 -19.94 -20.53
N ARG B 185 13.09 -20.90 -21.42
CA ARG B 185 14.46 -21.41 -21.65
C ARG B 185 15.48 -20.31 -21.94
N ARG B 186 15.15 -19.36 -22.82
CA ARG B 186 16.18 -18.36 -23.20
C ARG B 186 16.37 -17.25 -22.19
N HIS B 187 15.32 -16.95 -21.40
CA HIS B 187 15.51 -16.15 -20.20
C HIS B 187 16.62 -16.75 -19.37
N PHE B 188 16.57 -18.05 -19.07
CA PHE B 188 17.60 -18.62 -18.21
C PHE B 188 18.85 -19.05 -19.00
N MET B 189 18.77 -19.09 -20.33
CA MET B 189 19.92 -19.49 -21.13
C MET B 189 20.91 -18.35 -21.32
N VAL B 190 20.49 -17.08 -21.17
CA VAL B 190 21.34 -15.96 -21.63
C VAL B 190 22.72 -16.10 -20.98
N SER B 194 24.62 -8.71 -10.37
CA SER B 194 23.49 -9.56 -10.06
C SER B 194 23.26 -10.59 -11.16
N PRO B 195 24.24 -11.48 -11.39
CA PRO B 195 23.96 -12.75 -12.08
C PRO B 195 23.45 -13.66 -10.99
N VAL B 196 22.20 -13.41 -10.55
CA VAL B 196 21.71 -13.80 -9.20
C VAL B 196 21.76 -15.32 -9.01
N ARG B 197 21.98 -15.79 -7.78
CA ARG B 197 21.93 -17.23 -7.49
C ARG B 197 20.48 -17.67 -7.26
N MET B 198 20.06 -18.76 -7.90
CA MET B 198 18.72 -19.25 -7.81
C MET B 198 18.62 -20.23 -6.63
N THR B 199 18.45 -19.61 -5.45
CA THR B 199 18.18 -20.30 -4.20
C THR B 199 16.89 -21.07 -4.29
N ASN B 200 16.72 -21.99 -3.36
CA ASN B 200 15.53 -22.73 -3.33
C ASN B 200 14.30 -21.83 -3.27
N SER B 201 14.37 -20.83 -2.41
CA SER B 201 13.29 -19.84 -2.15
C SER B 201 12.95 -19.01 -3.38
N ARG B 202 13.96 -18.61 -4.14
CA ARG B 202 13.75 -17.98 -5.43
C ARG B 202 13.03 -18.88 -6.43
N LEU B 203 13.40 -20.15 -6.47
CA LEU B 203 12.84 -21.10 -7.42
C LEU B 203 11.41 -21.45 -7.03
N SER B 204 11.18 -21.68 -5.73
CA SER B 204 9.81 -21.94 -5.32
C SER B 204 8.94 -20.70 -5.43
N ALA B 205 9.51 -19.51 -5.14
CA ALA B 205 8.75 -18.25 -5.28
C ALA B 205 8.38 -18.05 -6.74
N MET B 206 9.33 -18.33 -7.63
CA MET B 206 9.00 -18.29 -9.06
C MET B 206 7.82 -19.18 -9.42
N ALA B 207 7.79 -20.45 -8.98
CA ALA B 207 6.62 -21.34 -9.21
C ALA B 207 5.26 -20.79 -8.73
N ARG B 208 5.26 -20.17 -7.55
CA ARG B 208 4.06 -19.67 -6.95
C ARG B 208 3.60 -18.47 -7.72
N TRP B 209 4.50 -17.52 -7.95
CA TRP B 209 4.07 -16.31 -8.65
C TRP B 209 3.64 -16.56 -10.09
N MET B 210 4.37 -17.42 -10.79
CA MET B 210 4.01 -17.82 -12.16
C MET B 210 2.68 -18.61 -12.19
N GLY B 211 2.48 -19.47 -11.21
CA GLY B 211 1.22 -20.14 -11.07
C GLY B 211 0.05 -19.19 -10.79
N MET B 212 0.28 -18.15 -10.00
CA MET B 212 -0.77 -17.14 -9.81
C MET B 212 -1.10 -16.40 -11.11
N LEU B 213 -0.07 -16.13 -11.89
CA LEU B 213 -0.21 -15.36 -13.14
C LEU B 213 -1.23 -16.02 -14.04
N ASN B 214 -1.03 -17.32 -14.13
CA ASN B 214 -1.83 -18.24 -14.89
C ASN B 214 -3.30 -18.30 -14.47
N GLN B 215 -3.63 -17.83 -13.28
CA GLN B 215 -5.02 -17.85 -12.80
C GLN B 215 -5.56 -16.47 -12.54
N LEU B 216 -4.98 -15.44 -13.14
CA LEU B 216 -5.39 -14.06 -12.87
C LEU B 216 -6.64 -13.69 -13.68
N GLU B 217 -7.64 -13.14 -13.03
CA GLU B 217 -8.88 -12.78 -13.72
C GLU B 217 -8.64 -11.50 -14.50
N VAL B 218 -8.90 -11.49 -15.82
CA VAL B 218 -8.69 -10.29 -16.64
C VAL B 218 -9.66 -9.22 -16.15
N ARG B 219 -9.22 -7.97 -16.23
CA ARG B 219 -10.02 -6.81 -15.78
C ARG B 219 -9.56 -5.57 -16.55
N HIS B 220 -10.47 -4.63 -16.70
CA HIS B 220 -10.26 -3.43 -17.50
C HIS B 220 -9.67 -2.32 -16.65
N THR B 221 -8.60 -1.70 -17.13
CA THR B 221 -8.23 -0.37 -16.66
C THR B 221 -8.58 0.63 -17.73
N THR B 222 -9.03 1.81 -17.31
CA THR B 222 -9.31 2.93 -18.20
C THR B 222 -8.07 3.77 -18.49
N VAL B 223 -6.91 3.50 -17.89
CA VAL B 223 -5.77 4.44 -18.06
C VAL B 223 -5.05 4.11 -19.36
N PRO B 224 -4.33 5.07 -19.97
CA PRO B 224 -3.67 4.74 -21.24
C PRO B 224 -2.67 3.60 -21.07
N VAL B 225 -2.61 2.70 -22.03
CA VAL B 225 -1.72 1.59 -22.01
C VAL B 225 -0.84 1.63 -23.26
N LEU B 226 0.46 1.49 -23.09
CA LEU B 226 1.43 1.31 -24.17
C LEU B 226 2.02 -0.10 -24.12
N ILE B 227 1.87 -0.84 -25.22
CA ILE B 227 2.57 -2.09 -25.52
C ILE B 227 3.75 -1.75 -26.46
N ILE B 228 4.97 -1.86 -25.97
CA ILE B 228 6.15 -1.86 -26.81
C ILE B 228 6.47 -3.31 -27.29
N ARG B 229 6.39 -3.55 -28.61
CA ARG B 229 6.77 -4.84 -29.18
C ARG B 229 8.24 -4.87 -29.65
N ALA B 230 8.91 -5.99 -29.38
CA ALA B 230 10.29 -6.22 -29.83
C ALA B 230 10.24 -6.71 -31.29
N ALA B 231 10.67 -5.86 -32.22
CA ALA B 231 10.50 -6.17 -33.65
C ALA B 231 11.18 -7.49 -34.15
N LYS B 232 12.19 -7.99 -33.43
CA LYS B 232 12.89 -9.27 -33.76
C LYS B 232 12.23 -10.61 -33.40
N GLU B 233 11.04 -10.63 -32.81
CA GLU B 233 10.43 -11.86 -32.25
C GLU B 233 9.25 -12.38 -33.09
N THR B 234 9.01 -13.69 -33.05
CA THR B 234 7.91 -14.31 -33.79
C THR B 234 6.54 -13.90 -33.19
N SER B 250 -7.40 0.97 -21.34
CA SER B 250 -8.51 0.69 -22.26
C SER B 250 -8.22 1.33 -23.62
N PRO B 251 -7.68 2.58 -23.62
CA PRO B 251 -7.04 3.13 -24.83
C PRO B 251 -5.60 2.56 -25.05
N VAL B 252 -5.45 1.63 -26.01
CA VAL B 252 -4.17 0.95 -26.25
C VAL B 252 -3.44 1.57 -27.42
N ASP B 253 -2.14 1.82 -27.20
CA ASP B 253 -1.17 2.18 -28.19
C ASP B 253 -0.08 1.11 -28.29
N VAL B 254 0.47 0.97 -29.48
CA VAL B 254 1.46 -0.02 -29.76
C VAL B 254 2.61 0.67 -30.43
N ARG B 255 3.83 0.33 -30.03
CA ARG B 255 5.03 0.81 -30.71
C ARG B 255 5.97 -0.35 -30.83
N SER B 256 6.93 -0.20 -31.73
CA SER B 256 7.87 -1.24 -32.07
C SER B 256 9.25 -0.77 -31.77
N VAL B 257 10.08 -1.65 -31.27
CA VAL B 257 11.45 -1.27 -31.01
C VAL B 257 12.30 -2.25 -31.78
N ASP B 258 13.45 -1.75 -32.25
CA ASP B 258 14.45 -2.59 -32.96
C ASP B 258 15.25 -3.41 -31.94
N ALA B 259 14.65 -4.51 -31.48
CA ALA B 259 15.26 -5.30 -30.40
C ALA B 259 14.57 -6.64 -30.28
N ASP B 260 15.17 -7.55 -29.53
CA ASP B 260 14.46 -8.78 -29.16
C ASP B 260 13.90 -8.65 -27.71
N HIS B 261 13.24 -9.70 -27.24
CA HIS B 261 12.47 -9.73 -25.98
C HIS B 261 13.41 -9.43 -24.79
N PHE B 262 14.64 -9.90 -24.92
CA PHE B 262 15.64 -9.77 -23.94
C PHE B 262 16.44 -8.53 -24.18
N SER B 263 16.83 -8.25 -25.44
CA SER B 263 17.70 -7.09 -25.68
C SER B 263 16.99 -5.80 -25.39
N MET B 264 15.65 -5.79 -25.48
CA MET B 264 14.89 -4.55 -25.23
C MET B 264 15.12 -3.91 -23.87
N VAL B 265 15.53 -4.68 -22.86
CA VAL B 265 15.90 -4.12 -21.55
C VAL B 265 17.39 -4.30 -21.18
N ARG B 266 18.19 -4.55 -22.20
CA ARG B 266 19.62 -4.76 -22.10
C ARG B 266 20.30 -3.81 -23.10
N ASP B 267 20.87 -4.34 -24.17
CA ASP B 267 21.69 -3.54 -25.16
C ASP B 267 20.88 -2.42 -25.75
N ASP B 268 19.66 -2.76 -26.16
CA ASP B 268 18.68 -1.87 -26.75
C ASP B 268 17.78 -1.10 -25.72
N ALA B 269 18.18 -1.05 -24.45
CA ALA B 269 17.38 -0.27 -23.47
C ALA B 269 17.11 1.20 -23.83
N PRO B 270 18.15 1.92 -24.33
CA PRO B 270 17.92 3.32 -24.82
C PRO B 270 16.86 3.51 -25.88
N GLU B 271 16.75 2.63 -26.87
CA GLU B 271 15.66 2.74 -27.86
C GLU B 271 14.30 2.56 -27.16
N THR B 272 14.21 1.54 -26.29
CA THR B 272 12.99 1.27 -25.50
C THR B 272 12.63 2.48 -24.69
N ALA B 273 13.59 2.99 -23.92
CA ALA B 273 13.38 4.17 -23.08
C ALA B 273 12.86 5.41 -23.82
N ARG B 274 13.29 5.57 -25.07
CA ARG B 274 13.02 6.78 -25.85
C ARG B 274 11.61 6.71 -26.33
N ILE B 275 11.18 5.52 -26.76
CA ILE B 275 9.78 5.27 -27.11
C ILE B 275 8.88 5.54 -25.91
N VAL B 276 9.31 5.10 -24.75
CA VAL B 276 8.56 5.34 -23.55
C VAL B 276 8.49 6.82 -23.30
N LYS B 277 9.63 7.54 -23.27
CA LYS B 277 9.62 8.98 -22.94
C LYS B 277 8.74 9.73 -23.94
N GLU B 278 8.93 9.45 -25.22
CA GLU B 278 8.17 10.14 -26.27
C GLU B 278 6.67 9.79 -26.20
N TRP B 279 6.29 8.55 -25.87
CA TRP B 279 4.87 8.27 -25.73
C TRP B 279 4.33 9.04 -24.56
N LEU B 280 5.05 9.04 -23.44
CA LEU B 280 4.53 9.69 -22.22
C LEU B 280 4.40 11.22 -22.40
N ASP B 281 5.37 11.81 -23.10
CA ASP B 281 5.26 13.25 -23.40
C ASP B 281 4.10 13.58 -24.32
N SER B 282 3.73 12.68 -25.23
CA SER B 282 2.53 12.90 -26.07
C SER B 282 1.14 12.79 -25.38
N LEU B 283 1.11 12.40 -24.12
CA LEU B 283 -0.13 12.42 -23.33
C LEU B 283 -0.42 13.86 -22.95
#